data_8RZB
#
_entry.id   8RZB
#
_cell.length_a   53.479
_cell.length_b   56.407
_cell.length_c   67.792
_cell.angle_alpha   72.88
_cell.angle_beta   71.80
_cell.angle_gamma   84.32
#
_symmetry.space_group_name_H-M   'P 1'
#
loop_
_entity.id
_entity.type
_entity.pdbx_description
1 polymer 'Interleukin-1 beta'
2 non-polymer '8-[4-methyl-3-(trifluoromethyl)phenyl]-2-[[(7S)-7-(2-morpholin-4-ylethylcarbamoyl)-4-(phenylsulfonyl)-1,4-diazepan-1-yl]carbonyl]imidazo[1,2-a]pyridine-6-carboxylic acid'
3 water water
#
_entity_poly.entity_id   1
_entity_poly.type   'polypeptide(L)'
_entity_poly.pdbx_seq_one_letter_code
;APVRSLNCTLRDSQQKSLVMSGPYELKALHLQGQDMEQQVVFSMSFVQGEESNDKIPVALGLKEKNLYLSCVLKDDKPTL
QLESVDPKNYPKKKMEKRFVFNKIEINNKLEFESAQFPNWYISTSQAENMPVFLGGTKGGQDITDFTMQFVSS
;
_entity_poly.pdbx_strand_id   A,B,C,D
#
# COMPACT_ATOMS: atom_id res chain seq x y z
N PRO A 2 7.22 5.53 19.68
CA PRO A 2 8.08 4.69 20.53
C PRO A 2 8.48 3.42 19.80
N VAL A 3 9.69 2.91 20.07
CA VAL A 3 10.16 1.70 19.40
C VAL A 3 9.34 0.47 19.81
N ARG A 4 8.85 -0.29 18.83
CA ARG A 4 8.07 -1.48 19.09
C ARG A 4 9.00 -2.64 19.35
N SER A 5 8.70 -3.45 20.36
CA SER A 5 9.49 -4.63 20.65
C SER A 5 8.65 -5.75 21.24
N LEU A 6 9.15 -6.98 21.11
CA LEU A 6 8.50 -8.15 21.67
C LEU A 6 9.57 -8.98 22.39
N ASN A 7 9.12 -9.82 23.30
CA ASN A 7 9.99 -10.75 24.00
C ASN A 7 9.79 -12.10 23.34
N CYS A 8 10.88 -12.85 23.16
CA CYS A 8 10.84 -14.15 22.51
C CYS A 8 12.08 -14.97 22.80
N THR A 9 11.99 -16.27 22.57
CA THR A 9 13.14 -17.14 22.58
C THR A 9 13.29 -17.63 21.12
N LEU A 10 14.45 -18.17 20.79
CA LEU A 10 14.72 -18.68 19.45
C LEU A 10 15.26 -20.09 19.58
N ARG A 11 14.97 -20.87 18.60
CA ARG A 11 15.48 -22.22 18.50
C ARG A 11 15.91 -22.39 17.08
N ASP A 12 17.07 -23.05 16.87
CA ASP A 12 17.51 -23.27 15.49
C ASP A 12 16.68 -24.40 14.86
N SER A 13 16.81 -24.63 13.53
CA SER A 13 16.01 -25.60 12.83
C SER A 13 16.20 -27.05 13.29
N GLN A 14 17.23 -27.31 14.13
CA GLN A 14 17.41 -28.65 14.69
C GLN A 14 16.96 -28.73 16.15
N GLN A 15 16.29 -27.65 16.66
CA GLN A 15 15.71 -27.53 18.01
C GLN A 15 16.70 -27.31 19.12
N LYS A 16 17.86 -26.72 18.79
CA LYS A 16 18.80 -26.34 19.80
C LYS A 16 18.33 -24.96 20.31
N SER A 17 18.38 -24.78 21.62
CA SER A 17 18.05 -23.54 22.29
C SER A 17 19.35 -22.73 22.45
N LEU A 18 19.21 -21.42 22.68
CA LEU A 18 20.37 -20.54 22.82
C LEU A 18 20.53 -20.17 24.27
N VAL A 19 21.74 -20.28 24.78
CA VAL A 19 22.03 -19.93 26.18
C VAL A 19 23.21 -19.00 26.25
N MET A 20 23.33 -18.28 27.35
CA MET A 20 24.45 -17.37 27.57
C MET A 20 25.65 -18.16 28.04
N SER A 21 26.76 -18.07 27.28
CA SER A 21 28.01 -18.77 27.59
C SER A 21 29.07 -17.79 28.10
N GLY A 22 28.91 -17.35 29.35
CA GLY A 22 29.78 -16.33 29.90
C GLY A 22 29.36 -14.96 29.35
N PRO A 23 30.13 -13.91 29.66
CA PRO A 23 29.72 -12.57 29.23
C PRO A 23 29.83 -12.25 27.75
N TYR A 24 30.63 -12.99 27.00
CA TYR A 24 30.99 -12.58 25.64
C TYR A 24 30.35 -13.35 24.51
N GLU A 25 29.53 -14.37 24.82
CA GLU A 25 28.95 -15.13 23.74
C GLU A 25 27.71 -15.91 24.13
N LEU A 26 27.03 -16.41 23.10
CA LEU A 26 25.89 -17.29 23.27
C LEU A 26 26.33 -18.64 22.69
N LYS A 27 25.77 -19.71 23.21
CA LYS A 27 26.02 -21.05 22.67
C LYS A 27 24.68 -21.72 22.34
N ALA A 28 24.70 -22.76 21.50
CA ALA A 28 23.47 -23.48 21.15
C ALA A 28 23.57 -24.94 21.57
N LEU A 29 22.52 -25.46 22.22
CA LEU A 29 22.49 -26.88 22.60
C LEU A 29 21.03 -27.38 22.75
N HIS A 30 20.87 -28.69 22.74
CA HIS A 30 19.56 -29.31 22.91
C HIS A 30 19.24 -29.32 24.39
N LEU A 31 18.25 -28.53 24.81
CA LEU A 31 17.87 -28.53 26.24
C LEU A 31 16.68 -29.45 26.55
N GLN A 32 16.23 -30.31 25.60
CA GLN A 32 15.13 -31.25 25.83
C GLN A 32 15.52 -32.21 26.94
N GLY A 33 14.64 -32.39 27.91
CA GLY A 33 14.93 -33.27 29.06
C GLY A 33 15.57 -32.56 30.23
N GLN A 34 16.12 -31.36 29.99
CA GLN A 34 16.77 -30.46 30.95
C GLN A 34 15.91 -29.18 31.08
N ASP A 35 16.16 -28.36 32.13
CA ASP A 35 15.37 -27.15 32.33
C ASP A 35 15.64 -26.10 31.27
N MET A 36 14.56 -25.65 30.61
CA MET A 36 14.62 -24.61 29.57
C MET A 36 14.75 -23.19 30.13
N GLU A 37 14.74 -23.01 31.48
CA GLU A 37 14.92 -21.69 32.09
C GLU A 37 16.31 -21.07 31.78
N GLN A 38 17.27 -21.88 31.26
CA GLN A 38 18.59 -21.42 30.89
C GLN A 38 18.59 -20.62 29.59
N GLN A 39 17.57 -20.81 28.73
CA GLN A 39 17.58 -20.15 27.42
C GLN A 39 17.48 -18.63 27.52
N VAL A 40 18.15 -17.96 26.60
CA VAL A 40 18.13 -16.52 26.53
C VAL A 40 16.75 -16.06 26.10
N VAL A 41 16.24 -15.01 26.72
CA VAL A 41 15.01 -14.38 26.29
C VAL A 41 15.45 -13.11 25.61
N PHE A 42 15.10 -12.96 24.36
CA PHE A 42 15.44 -11.78 23.59
C PHE A 42 14.35 -10.74 23.67
N SER A 43 14.76 -9.49 23.47
CA SER A 43 13.86 -8.39 23.33
C SER A 43 14.14 -7.92 21.90
N MET A 44 13.32 -8.38 20.96
CA MET A 44 13.47 -8.04 19.55
C MET A 44 12.73 -6.74 19.24
N SER A 45 13.46 -5.69 18.89
CA SER A 45 12.89 -4.39 18.56
C SER A 45 12.82 -4.22 17.05
N PHE A 46 11.80 -3.50 16.57
CA PHE A 46 11.60 -3.23 15.16
C PHE A 46 12.22 -1.88 14.88
N VAL A 47 13.35 -1.88 14.14
CA VAL A 47 14.12 -0.66 13.88
C VAL A 47 13.85 -0.07 12.48
N GLN A 48 14.43 1.11 12.17
CA GLN A 48 14.36 1.75 10.85
C GLN A 48 15.44 1.15 9.93
N GLY A 49 15.11 0.93 8.66
CA GLY A 49 16.04 0.34 7.70
C GLY A 49 15.92 0.87 6.28
N GLU A 51 12.37 1.34 5.14
CA GLU A 51 11.30 0.42 4.77
C GLU A 51 11.80 -0.58 3.72
N SER A 52 11.98 -1.86 4.08
CA SER A 52 12.46 -2.86 3.13
C SER A 52 11.32 -3.75 2.63
N ASN A 53 11.45 -4.28 1.40
CA ASN A 53 10.42 -5.11 0.77
C ASN A 53 10.12 -6.44 1.49
N ASP A 54 11.03 -7.45 1.45
CA ASP A 54 10.71 -8.74 2.09
C ASP A 54 11.58 -9.05 3.31
N LYS A 55 12.10 -8.02 3.94
CA LYS A 55 12.90 -8.13 5.14
C LYS A 55 12.39 -7.15 6.18
N ILE A 56 12.51 -7.51 7.44
CA ILE A 56 12.11 -6.63 8.53
C ILE A 56 13.31 -6.29 9.40
N PRO A 57 13.83 -5.05 9.39
CA PRO A 57 15.00 -4.73 10.24
C PRO A 57 14.68 -4.78 11.73
N VAL A 58 15.43 -5.58 12.47
CA VAL A 58 15.27 -5.75 13.90
C VAL A 58 16.64 -5.64 14.63
N ALA A 59 16.57 -5.39 15.94
CA ALA A 59 17.73 -5.45 16.83
C ALA A 59 17.39 -6.52 17.88
N LEU A 60 18.40 -7.28 18.32
CA LEU A 60 18.23 -8.35 19.29
C LEU A 60 18.93 -8.07 20.61
N GLY A 61 18.16 -7.60 21.58
CA GLY A 61 18.70 -7.32 22.90
C GLY A 61 18.48 -8.48 23.84
N LEU A 62 19.30 -8.59 24.87
CA LEU A 62 19.16 -9.66 25.84
C LEU A 62 18.36 -9.08 26.96
N LYS A 63 17.14 -9.61 27.14
CA LYS A 63 16.18 -9.11 28.13
C LYS A 63 16.77 -8.98 29.52
N GLU A 64 16.61 -7.78 30.11
CA GLU A 64 17.05 -7.38 31.45
C GLU A 64 18.58 -7.36 31.65
N LYS A 65 19.33 -7.86 30.68
CA LYS A 65 20.77 -7.75 30.58
C LYS A 65 20.95 -6.55 29.62
N ASN A 66 21.87 -5.64 29.90
CA ASN A 66 22.07 -4.48 29.04
C ASN A 66 22.99 -4.86 27.84
N LEU A 67 22.62 -5.89 27.07
CA LEU A 67 23.44 -6.37 25.96
C LEU A 67 22.69 -6.43 24.64
N TYR A 68 23.38 -6.20 23.54
CA TYR A 68 22.79 -6.33 22.21
C TYR A 68 23.71 -7.15 21.33
N LEU A 69 23.15 -7.94 20.44
CA LEU A 69 23.93 -8.68 19.45
C LEU A 69 24.42 -7.64 18.43
N SER A 70 25.71 -7.66 18.09
CA SER A 70 26.26 -6.73 17.11
C SER A 70 27.23 -7.40 16.13
N CYS A 71 27.39 -6.81 14.95
CA CYS A 71 28.23 -7.37 13.90
C CYS A 71 29.42 -6.46 13.70
N VAL A 72 30.60 -6.99 13.96
CA VAL A 72 31.83 -6.22 13.81
C VAL A 72 32.86 -6.97 12.96
N LEU A 73 33.61 -6.24 12.14
CA LEU A 73 34.64 -6.85 11.30
C LEU A 73 35.87 -7.14 12.16
N LYS A 74 36.39 -8.36 12.10
CA LYS A 74 37.60 -8.77 12.81
C LYS A 74 38.43 -9.60 11.84
N ASP A 75 39.60 -9.11 11.41
CA ASP A 75 40.47 -9.82 10.46
C ASP A 75 39.77 -10.06 9.12
N ASP A 76 39.06 -9.03 8.62
CA ASP A 76 38.32 -9.11 7.35
C ASP A 76 37.20 -10.16 7.38
N LYS A 77 36.67 -10.44 8.58
CA LYS A 77 35.61 -11.43 8.73
C LYS A 77 34.54 -10.89 9.65
N PRO A 78 33.28 -10.81 9.16
CA PRO A 78 32.17 -10.33 10.02
C PRO A 78 32.00 -11.28 11.22
N THR A 79 31.84 -10.71 12.39
CA THR A 79 31.83 -11.45 13.64
C THR A 79 30.66 -11.01 14.53
N LEU A 80 30.05 -11.96 15.22
CA LEU A 80 28.94 -11.67 16.13
C LEU A 80 29.51 -11.40 17.51
N GLN A 81 29.09 -10.30 18.14
CA GLN A 81 29.59 -9.93 19.46
C GLN A 81 28.43 -9.53 20.38
N LEU A 82 28.62 -9.58 21.71
CA LEU A 82 27.63 -9.10 22.65
C LEU A 82 28.13 -7.75 23.13
N GLU A 83 27.41 -6.68 22.80
CA GLU A 83 27.82 -5.34 23.15
C GLU A 83 27.01 -4.76 24.31
N SER A 84 27.72 -4.25 25.32
CA SER A 84 27.13 -3.64 26.51
C SER A 84 26.70 -2.21 26.15
N VAL A 85 25.46 -1.83 26.54
CA VAL A 85 24.96 -0.49 26.25
C VAL A 85 24.35 0.18 27.49
N ASP A 86 24.19 1.52 27.45
CA ASP A 86 23.52 2.27 28.52
C ASP A 86 22.03 1.96 28.37
N PRO A 87 21.39 1.39 29.40
CA PRO A 87 19.96 1.03 29.28
C PRO A 87 19.00 2.22 29.11
N LYS A 88 19.45 3.44 29.39
CA LYS A 88 18.63 4.63 29.21
C LYS A 88 18.48 4.95 27.71
N ASN A 89 19.59 4.84 26.97
CA ASN A 89 19.62 5.14 25.54
C ASN A 89 19.09 4.03 24.66
N TYR A 90 18.86 2.83 25.21
CA TYR A 90 18.42 1.69 24.41
C TYR A 90 17.16 1.02 24.98
N PRO A 91 16.24 0.54 24.14
CA PRO A 91 16.29 0.51 22.66
C PRO A 91 15.88 1.83 22.01
N LYS A 92 16.17 1.96 20.71
CA LYS A 92 15.79 3.15 19.96
C LYS A 92 15.38 2.83 18.53
N LYS A 93 14.52 3.69 17.93
CA LYS A 93 14.03 3.50 16.57
C LYS A 93 15.20 3.47 15.58
N LYS A 94 16.14 4.44 15.70
CA LYS A 94 17.31 4.51 14.84
C LYS A 94 18.51 3.82 15.50
N MET A 95 18.58 2.48 15.43
CA MET A 95 19.70 1.75 16.00
C MET A 95 20.89 1.81 15.06
N GLU A 96 22.11 1.79 15.61
CA GLU A 96 23.33 1.78 14.81
C GLU A 96 23.38 0.50 13.95
N LYS A 97 23.83 0.61 12.68
CA LYS A 97 23.83 -0.49 11.73
C LYS A 97 24.44 -1.80 12.23
N ARG A 98 25.44 -1.73 13.13
CA ARG A 98 26.06 -2.93 13.67
C ARG A 98 25.07 -3.76 14.46
N PHE A 99 24.05 -3.16 15.07
CA PHE A 99 23.02 -3.89 15.84
C PHE A 99 21.85 -4.41 14.98
N VAL A 100 21.75 -3.98 13.72
CA VAL A 100 20.62 -4.29 12.87
C VAL A 100 20.80 -5.57 12.07
N PHE A 101 19.77 -6.41 12.14
CA PHE A 101 19.61 -7.66 11.42
C PHE A 101 18.30 -7.58 10.62
N ASN A 102 18.34 -8.02 9.36
CA ASN A 102 17.17 -8.10 8.53
C ASN A 102 16.55 -9.46 8.77
N LYS A 103 15.39 -9.48 9.42
CA LYS A 103 14.66 -10.71 9.66
C LYS A 103 13.98 -11.13 8.36
N ILE A 104 14.25 -12.36 7.91
CA ILE A 104 13.71 -12.88 6.65
C ILE A 104 12.88 -14.13 6.92
N GLU A 105 11.63 -14.15 6.52
CA GLU A 105 10.81 -15.36 6.67
C GLU A 105 11.01 -16.20 5.45
N ILE A 106 11.31 -17.47 5.64
CA ILE A 106 11.46 -18.39 4.53
C ILE A 106 11.02 -19.78 4.98
N ASN A 107 10.04 -20.37 4.28
CA ASN A 107 9.53 -21.71 4.57
C ASN A 107 9.22 -21.95 6.06
N ASN A 108 8.51 -20.99 6.69
CA ASN A 108 8.08 -20.99 8.10
C ASN A 108 9.19 -20.95 9.11
N LYS A 109 10.33 -20.37 8.69
CA LYS A 109 11.46 -20.20 9.57
C LYS A 109 12.03 -18.77 9.35
N LEU A 110 12.85 -18.33 10.26
CA LEU A 110 13.43 -17.02 10.24
C LEU A 110 14.94 -17.09 10.06
N GLU A 111 15.44 -16.17 9.25
CA GLU A 111 16.87 -15.92 9.10
C GLU A 111 17.12 -14.50 9.64
N PHE A 112 18.35 -14.23 10.12
CA PHE A 112 18.73 -12.91 10.61
C PHE A 112 20.00 -12.54 9.93
N GLU A 113 19.87 -11.78 8.84
CA GLU A 113 21.00 -11.38 8.06
C GLU A 113 21.51 -10.07 8.60
N SER A 114 22.83 -9.92 8.75
CA SER A 114 23.43 -8.68 9.20
C SER A 114 23.12 -7.57 8.19
N ALA A 115 22.58 -6.44 8.65
CA ALA A 115 22.35 -5.32 7.73
C ALA A 115 23.71 -4.71 7.40
N GLN A 116 24.64 -4.64 8.37
CA GLN A 116 26.00 -4.10 8.17
C GLN A 116 26.79 -4.95 7.17
N PHE A 117 26.69 -6.28 7.29
CA PHE A 117 27.42 -7.19 6.43
C PHE A 117 26.46 -8.11 5.68
N PRO A 118 25.97 -7.65 4.52
CA PRO A 118 25.04 -8.48 3.75
C PRO A 118 25.62 -9.87 3.41
N ASN A 119 24.74 -10.88 3.41
CA ASN A 119 25.04 -12.28 3.14
C ASN A 119 25.74 -12.99 4.30
N TRP A 120 25.72 -12.38 5.50
CA TRP A 120 26.25 -12.97 6.71
C TRP A 120 25.05 -13.07 7.64
N TYR A 121 24.88 -14.23 8.28
CA TYR A 121 23.68 -14.53 9.05
C TYR A 121 23.99 -15.02 10.43
N ILE A 122 23.04 -14.89 11.37
CA ILE A 122 23.20 -15.49 12.71
C ILE A 122 23.13 -17.00 12.47
N SER A 123 24.13 -17.72 12.98
CA SER A 123 24.28 -19.12 12.71
C SER A 123 24.59 -19.95 13.91
N THR A 124 24.29 -21.24 13.82
CA THR A 124 24.66 -22.20 14.85
C THR A 124 25.31 -23.37 14.15
N SER A 125 26.16 -24.09 14.88
CA SER A 125 26.78 -25.30 14.32
C SER A 125 25.80 -26.47 14.46
N GLN A 126 26.00 -27.59 13.70
CA GLN A 126 25.20 -28.78 13.96
C GLN A 126 25.63 -29.39 15.35
N ALA A 127 26.90 -29.15 15.78
CA ALA A 127 27.45 -29.68 17.01
C ALA A 127 26.88 -29.01 18.23
N GLU A 128 26.78 -29.77 19.30
CA GLU A 128 26.29 -29.29 20.58
C GLU A 128 27.27 -28.32 21.21
N ASN A 129 26.74 -27.40 21.99
CA ASN A 129 27.45 -26.47 22.83
C ASN A 129 28.55 -25.64 22.14
N MET A 130 28.34 -25.26 20.89
CA MET A 130 29.27 -24.42 20.15
C MET A 130 28.72 -22.99 20.12
N PRO A 131 29.58 -21.98 19.94
CA PRO A 131 29.09 -20.59 19.96
C PRO A 131 28.11 -20.27 18.82
N VAL A 132 27.23 -19.30 19.06
CA VAL A 132 26.37 -18.70 18.06
C VAL A 132 27.28 -17.71 17.37
N PHE A 133 27.27 -17.71 16.03
CA PHE A 133 28.24 -16.92 15.30
C PHE A 133 27.63 -16.30 14.07
N LEU A 134 28.38 -15.51 13.34
CA LEU A 134 27.91 -14.93 12.10
C LEU A 134 28.58 -15.73 11.00
N GLY A 135 27.78 -16.38 10.16
CA GLY A 135 28.35 -17.20 9.11
C GLY A 135 27.99 -16.67 7.75
N GLY A 136 28.78 -17.05 6.75
CA GLY A 136 28.53 -16.57 5.40
C GLY A 136 28.07 -17.63 4.45
N THR A 137 27.64 -18.79 4.97
CA THR A 137 27.08 -19.84 4.13
C THR A 137 25.65 -20.04 4.66
N LYS A 138 24.81 -20.49 3.77
CA LYS A 138 23.42 -20.71 4.07
C LYS A 138 22.98 -21.89 3.32
N GLY A 139 22.27 -22.77 3.97
CA GLY A 139 21.78 -23.97 3.29
C GLY A 139 22.76 -25.14 3.27
N GLY A 140 23.89 -25.01 3.96
CA GLY A 140 24.83 -26.13 4.06
C GLY A 140 24.67 -26.74 5.43
N GLN A 141 25.79 -27.09 6.07
CA GLN A 141 25.80 -27.70 7.37
C GLN A 141 25.50 -26.71 8.37
N ASP A 142 26.13 -25.50 8.32
CA ASP A 142 25.79 -24.50 9.35
C ASP A 142 24.33 -24.12 9.32
N ILE A 143 23.72 -23.73 10.50
CA ILE A 143 22.30 -23.54 10.53
C ILE A 143 21.98 -22.09 10.61
N THR A 144 21.24 -21.54 9.63
CA THR A 144 20.83 -20.12 9.58
C THR A 144 19.30 -19.96 9.74
N ASP A 145 18.56 -21.06 10.03
CA ASP A 145 17.11 -21.01 10.18
C ASP A 145 16.71 -21.21 11.62
N PHE A 146 15.80 -20.34 12.09
CA PHE A 146 15.31 -20.37 13.45
C PHE A 146 13.77 -20.29 13.49
N THR A 147 13.22 -20.60 14.66
CA THR A 147 11.82 -20.39 14.93
C THR A 147 11.77 -19.54 16.18
N MET A 148 10.78 -18.65 16.25
CA MET A 148 10.61 -17.80 17.41
C MET A 148 9.50 -18.39 18.26
N GLN A 149 9.68 -18.34 19.57
CA GLN A 149 8.66 -18.73 20.52
C GLN A 149 8.31 -17.42 21.17
N PHE A 150 7.20 -16.81 20.72
CA PHE A 150 6.74 -15.51 21.19
C PHE A 150 6.41 -15.60 22.67
N VAL A 151 6.87 -14.63 23.45
CA VAL A 151 6.60 -14.60 24.88
C VAL A 151 5.60 -13.49 25.19
N SER A 152 5.94 -12.24 24.89
CA SER A 152 5.04 -11.11 25.16
C SER A 152 5.34 -9.93 24.20
N SER A 153 4.47 -8.90 24.17
CA SER A 153 4.72 -7.74 23.28
C SER A 153 5.11 -6.47 24.06
N PRO B 2 -0.12 -5.48 -17.87
CA PRO B 2 0.98 -4.64 -18.39
C PRO B 2 1.19 -3.42 -17.50
N VAL B 3 2.45 -2.98 -17.34
CA VAL B 3 2.71 -1.80 -16.52
C VAL B 3 2.14 -0.56 -17.22
N ARG B 4 1.50 0.31 -16.46
CA ARG B 4 0.93 1.54 -16.98
C ARG B 4 1.94 2.67 -16.76
N SER B 5 2.13 3.51 -17.76
CA SER B 5 3.02 4.66 -17.63
C SER B 5 2.56 5.85 -18.46
N LEU B 6 2.99 7.04 -18.07
CA LEU B 6 2.71 8.27 -18.81
C LEU B 6 4.01 9.05 -18.96
N ASN B 7 4.04 9.95 -19.93
CA ASN B 7 5.17 10.84 -20.13
C ASN B 7 4.74 12.19 -19.56
N CYS B 8 5.69 12.86 -18.90
CA CYS B 8 5.43 14.16 -18.29
C CYS B 8 6.71 14.93 -17.98
N THR B 9 6.58 16.23 -17.78
CA THR B 9 7.67 17.05 -17.25
C THR B 9 7.22 17.48 -15.85
N LEU B 10 8.19 17.93 -15.03
CA LEU B 10 7.90 18.36 -13.68
C LEU B 10 8.46 19.75 -13.45
N ARG B 11 7.76 20.53 -12.65
CA ARG B 11 8.22 21.86 -12.25
C ARG B 11 8.01 21.98 -10.76
N ASP B 12 8.96 22.53 -10.03
CA ASP B 12 8.78 22.70 -8.59
C ASP B 12 7.78 23.84 -8.33
N SER B 13 7.35 24.02 -7.08
CA SER B 13 6.36 25.03 -6.74
C SER B 13 6.79 26.47 -6.99
N GLN B 14 8.08 26.68 -7.29
CA GLN B 14 8.57 28.02 -7.64
C GLN B 14 8.84 28.17 -9.15
N GLN B 15 8.29 27.26 -9.97
CA GLN B 15 8.35 27.25 -11.42
C GLN B 15 9.71 26.98 -12.01
N LYS B 16 10.56 26.28 -11.25
CA LYS B 16 11.85 25.88 -11.76
C LYS B 16 11.62 24.54 -12.45
N SER B 17 12.04 24.43 -13.71
CA SER B 17 11.96 23.20 -14.50
C SER B 17 13.12 22.28 -14.10
N LEU B 18 12.98 20.99 -14.40
CA LEU B 18 14.01 20.02 -14.09
C LEU B 18 14.78 19.71 -15.39
N VAL B 19 16.13 19.83 -15.35
CA VAL B 19 16.98 19.55 -16.52
C VAL B 19 18.09 18.58 -16.14
N MET B 20 18.67 17.90 -17.12
CA MET B 20 19.75 16.96 -16.90
C MET B 20 21.01 17.80 -17.01
N SER B 21 21.78 18.01 -15.96
CA SER B 21 22.98 18.85 -16.07
C SER B 21 24.10 18.08 -16.84
N GLY B 22 24.49 16.97 -16.28
CA GLY B 22 25.44 15.99 -16.79
C GLY B 22 24.87 14.60 -16.58
N PRO B 23 25.71 13.56 -16.60
CA PRO B 23 25.17 12.18 -16.47
C PRO B 23 24.67 11.74 -15.10
N TYR B 24 25.08 12.42 -14.05
CA TYR B 24 24.87 11.93 -12.69
C TYR B 24 23.83 12.62 -11.87
N GLU B 25 23.18 13.67 -12.42
CA GLU B 25 22.22 14.40 -11.64
C GLU B 25 21.28 15.28 -12.47
N LEU B 26 20.23 15.74 -11.82
CA LEU B 26 19.29 16.67 -12.40
C LEU B 26 19.47 17.98 -11.64
N LYS B 27 19.20 19.10 -12.29
CA LYS B 27 19.21 20.40 -11.65
C LYS B 27 17.85 21.09 -11.85
N ALA B 28 17.55 22.11 -11.02
CA ALA B 28 16.31 22.85 -11.15
C ALA B 28 16.59 24.33 -11.42
N LEU B 29 16.01 24.83 -12.50
CA LEU B 29 16.23 26.22 -12.90
C LEU B 29 15.04 26.87 -13.59
N HIS B 30 14.93 28.20 -13.51
CA HIS B 30 13.86 28.96 -14.15
C HIS B 30 14.12 28.97 -15.65
N LEU B 31 13.25 28.34 -16.46
CA LEU B 31 13.45 28.30 -17.91
C LEU B 31 12.55 29.25 -18.71
N GLN B 32 11.81 30.14 -18.03
CA GLN B 32 10.94 31.14 -18.67
C GLN B 32 11.74 31.97 -19.67
N GLY B 33 11.21 32.17 -20.86
CA GLY B 33 11.90 32.95 -21.88
C GLY B 33 13.02 32.22 -22.61
N GLN B 34 13.31 30.99 -22.17
CA GLN B 34 14.34 30.12 -22.74
C GLN B 34 13.68 28.93 -23.46
N ASP B 35 14.47 28.23 -24.27
CA ASP B 35 14.02 27.05 -24.99
C ASP B 35 13.64 25.97 -23.96
N MET B 36 12.37 25.58 -23.97
CA MET B 36 11.79 24.60 -23.05
C MET B 36 12.14 23.14 -23.39
N GLU B 37 12.81 22.91 -24.52
CA GLU B 37 13.21 21.57 -24.94
C GLU B 37 14.30 20.94 -24.05
N GLN B 38 14.95 21.74 -23.17
CA GLN B 38 15.97 21.24 -22.24
C GLN B 38 15.40 20.44 -21.08
N GLN B 39 14.13 20.69 -20.72
CA GLN B 39 13.56 20.02 -19.55
C GLN B 39 13.45 18.50 -19.75
N VAL B 40 13.68 17.78 -18.67
CA VAL B 40 13.67 16.34 -18.66
C VAL B 40 12.25 15.84 -18.83
N VAL B 41 12.05 14.88 -19.76
CA VAL B 41 10.76 14.26 -19.94
C VAL B 41 10.85 12.95 -19.18
N PHE B 42 9.99 12.79 -18.20
CA PHE B 42 9.93 11.59 -17.40
C PHE B 42 8.94 10.59 -17.97
N SER B 43 9.16 9.33 -17.67
CA SER B 43 8.25 8.27 -17.98
C SER B 43 7.89 7.76 -16.61
N MET B 44 6.74 8.21 -16.09
CA MET B 44 6.26 7.81 -14.78
C MET B 44 5.42 6.55 -14.87
N SER B 45 5.91 5.44 -14.29
CA SER B 45 5.20 4.17 -14.31
C SER B 45 4.48 3.96 -12.99
N PHE B 46 3.34 3.30 -13.02
CA PHE B 46 2.54 2.99 -11.84
C PHE B 46 2.92 1.61 -11.41
N VAL B 47 3.68 1.56 -10.32
CA VAL B 47 4.23 0.31 -9.84
C VAL B 47 3.41 -0.27 -8.69
N GLN B 48 3.64 -1.55 -8.39
CA GLN B 48 2.96 -2.20 -7.27
C GLN B 48 3.55 -1.67 -5.95
N GLY B 49 2.70 -1.58 -4.95
CA GLY B 49 3.11 -1.09 -3.64
C GLY B 49 2.01 -1.30 -2.61
N GLU B 50 2.08 -0.53 -1.52
CA GLU B 50 1.08 -0.65 -0.46
C GLU B 50 -0.22 0.02 -0.86
N GLU B 51 -1.36 -0.63 -0.52
CA GLU B 51 -2.69 -0.11 -0.81
C GLU B 51 -2.98 1.03 0.14
N SER B 52 -2.78 2.27 -0.33
CA SER B 52 -3.01 3.46 0.46
C SER B 52 -3.74 4.49 -0.38
N ASN B 53 -4.88 4.98 0.11
CA ASN B 53 -5.65 5.99 -0.60
C ASN B 53 -4.97 7.37 -0.63
N ASP B 54 -3.95 7.59 0.20
CA ASP B 54 -3.21 8.85 0.24
C ASP B 54 -2.05 8.87 -0.76
N LYS B 55 -1.46 7.68 -1.07
CA LYS B 55 -0.28 7.60 -1.93
C LYS B 55 -0.37 6.59 -3.09
N ILE B 56 0.16 6.98 -4.26
CA ILE B 56 0.23 6.15 -5.46
C ILE B 56 1.70 5.78 -5.75
N PRO B 57 2.13 4.52 -5.58
CA PRO B 57 3.54 4.17 -5.85
C PRO B 57 3.89 4.28 -7.35
N VAL B 58 4.92 5.04 -7.65
CA VAL B 58 5.40 5.29 -9.00
C VAL B 58 6.94 5.14 -9.09
N ALA B 59 7.44 4.93 -10.31
CA ALA B 59 8.86 4.95 -10.63
C ALA B 59 9.04 6.08 -11.66
N LEU B 60 10.15 6.82 -11.56
CA LEU B 60 10.44 7.93 -12.46
C LEU B 60 11.64 7.66 -13.36
N GLY B 61 11.36 7.27 -14.58
CA GLY B 61 12.41 7.00 -15.54
C GLY B 61 12.64 8.19 -16.43
N LEU B 62 13.85 8.33 -16.95
CA LEU B 62 14.18 9.42 -17.85
C LEU B 62 13.93 8.88 -19.23
N LYS B 63 12.92 9.44 -19.94
CA LYS B 63 12.48 9.00 -21.25
C LYS B 63 13.60 8.87 -22.27
N GLU B 64 13.70 7.69 -22.89
CA GLU B 64 14.67 7.30 -23.93
C GLU B 64 16.14 7.27 -23.46
N LYS B 65 16.41 7.80 -22.26
CA LYS B 65 17.71 7.71 -21.59
C LYS B 65 17.48 6.52 -20.64
N ASN B 66 18.35 5.51 -20.62
CA ASN B 66 18.09 4.32 -19.80
C ASN B 66 18.36 4.55 -18.30
N LEU B 67 17.79 5.61 -17.71
CA LEU B 67 18.03 5.95 -16.32
C LEU B 67 16.76 5.98 -15.50
N TYR B 68 16.88 5.73 -14.20
CA TYR B 68 15.78 5.82 -13.26
C TYR B 68 16.25 6.58 -12.03
N LEU B 69 15.37 7.38 -11.43
CA LEU B 69 15.68 8.05 -10.18
C LEU B 69 15.65 6.95 -9.10
N SER B 70 16.69 6.90 -8.25
CA SER B 70 16.72 5.89 -7.19
C SER B 70 17.20 6.47 -5.87
N CYS B 71 16.83 5.83 -4.78
CA CYS B 71 17.15 6.31 -3.44
C CYS B 71 18.10 5.32 -2.82
N VAL B 72 19.33 5.76 -2.56
CA VAL B 72 20.34 4.88 -1.98
C VAL B 72 20.94 5.52 -0.75
N LEU B 73 21.27 4.69 0.22
CA LEU B 73 21.88 5.16 1.46
C LEU B 73 23.37 5.42 1.18
N LYS B 74 23.85 6.61 1.54
CA LYS B 74 25.26 6.98 1.39
C LYS B 74 25.66 7.71 2.66
N ASP B 75 26.56 7.13 3.46
CA ASP B 75 27.01 7.71 4.73
C ASP B 75 25.82 7.84 5.72
N ASP B 76 24.96 6.81 5.77
CA ASP B 76 23.78 6.80 6.65
C ASP B 76 22.79 7.92 6.31
N LYS B 77 22.76 8.37 5.05
CA LYS B 77 21.87 9.43 4.62
C LYS B 77 21.23 9.07 3.28
N PRO B 78 19.88 9.06 3.20
CA PRO B 78 19.22 8.74 1.92
C PRO B 78 19.58 9.76 0.84
N THR B 79 19.93 9.27 -0.33
CA THR B 79 20.44 10.10 -1.41
C THR B 79 19.74 9.80 -2.72
N LEU B 80 19.48 10.83 -3.53
CA LEU B 80 18.87 10.65 -4.84
C LEU B 80 19.96 10.45 -5.87
N GLN B 81 19.81 9.45 -6.74
CA GLN B 81 20.80 9.20 -7.78
C GLN B 81 20.14 8.81 -9.09
N LEU B 82 20.88 8.89 -10.19
CA LEU B 82 20.39 8.46 -11.49
C LEU B 82 21.02 7.10 -11.76
N GLU B 83 20.20 6.05 -11.82
CA GLU B 83 20.70 4.71 -12.03
C GLU B 83 20.48 4.21 -13.45
N SER B 84 21.56 3.71 -14.09
CA SER B 84 21.51 3.16 -15.44
C SER B 84 20.96 1.74 -15.39
N VAL B 85 20.02 1.41 -16.26
CA VAL B 85 19.41 0.09 -16.28
C VAL B 85 19.39 -0.51 -17.71
N ASP B 86 19.17 -1.84 -17.80
CA ASP B 86 19.04 -2.51 -19.09
C ASP B 86 17.62 -2.16 -19.58
N PRO B 87 17.48 -1.53 -20.75
CA PRO B 87 16.14 -1.15 -21.23
C PRO B 87 15.20 -2.31 -21.55
N LYS B 88 15.72 -3.53 -21.67
CA LYS B 88 14.91 -4.71 -21.94
C LYS B 88 14.14 -5.11 -20.68
N ASN B 89 14.79 -5.04 -19.52
CA ASN B 89 14.21 -5.41 -18.23
C ASN B 89 13.34 -4.31 -17.60
N TYR B 90 13.35 -3.09 -18.15
CA TYR B 90 12.61 -1.99 -17.58
C TYR B 90 11.72 -1.29 -18.61
N PRO B 91 10.54 -0.78 -18.20
CA PRO B 91 9.96 -0.79 -16.86
C PRO B 91 9.27 -2.10 -16.49
N LYS B 92 8.99 -2.30 -15.20
CA LYS B 92 8.30 -3.48 -14.74
C LYS B 92 7.30 -3.19 -13.62
N LYS B 93 6.27 -4.07 -13.47
CA LYS B 93 5.24 -3.91 -12.45
C LYS B 93 5.87 -3.95 -11.05
N LYS B 94 6.74 -4.95 -10.80
CA LYS B 94 7.44 -5.05 -9.53
C LYS B 94 8.83 -4.39 -9.60
N MET B 95 8.89 -3.05 -9.50
CA MET B 95 10.17 -2.34 -9.51
C MET B 95 10.83 -2.51 -8.14
N GLU B 96 12.16 -2.47 -8.10
CA GLU B 96 12.89 -2.57 -6.84
C GLU B 96 12.56 -1.33 -5.97
N LYS B 97 12.41 -1.53 -4.64
CA LYS B 97 12.04 -0.45 -3.72
C LYS B 97 12.85 0.84 -3.84
N ARG B 98 14.15 0.75 -4.22
CA ARG B 98 14.97 1.94 -4.39
C ARG B 98 14.45 2.87 -5.48
N PHE B 99 13.75 2.34 -6.49
CA PHE B 99 13.19 3.16 -7.57
C PHE B 99 11.78 3.70 -7.26
N VAL B 100 11.14 3.23 -6.18
CA VAL B 100 9.75 3.56 -5.88
C VAL B 100 9.58 4.80 -5.03
N PHE B 101 8.73 5.70 -5.49
CA PHE B 101 8.29 6.93 -4.84
C PHE B 101 6.77 6.89 -4.67
N ASN B 102 6.27 7.29 -3.51
CA ASN B 102 4.86 7.39 -3.25
C ASN B 102 4.45 8.80 -3.67
N LYS B 103 3.67 8.89 -4.74
CA LYS B 103 3.16 10.17 -5.22
C LYS B 103 1.99 10.59 -4.32
N ILE B 104 2.12 11.75 -3.70
CA ILE B 104 1.13 12.29 -2.78
C ILE B 104 0.58 13.58 -3.36
N GLU B 105 -0.74 13.75 -3.42
CA GLU B 105 -1.34 14.99 -3.92
C GLU B 105 -1.67 15.84 -2.71
N ILE B 106 -1.34 17.12 -2.75
CA ILE B 106 -1.64 18.05 -1.67
C ILE B 106 -1.81 19.45 -2.29
N ASN B 107 -2.99 20.07 -2.08
CA ASN B 107 -3.32 21.42 -2.58
C ASN B 107 -2.95 21.64 -4.06
N ASN B 108 -3.36 20.71 -4.94
CA ASN B 108 -3.10 20.76 -6.38
C ASN B 108 -1.62 20.67 -6.76
N LYS B 109 -0.82 20.06 -5.90
CA LYS B 109 0.59 19.83 -6.15
C LYS B 109 0.94 18.39 -5.77
N LEU B 110 2.08 17.91 -6.22
CA LEU B 110 2.55 16.56 -6.00
C LEU B 110 3.83 16.54 -5.17
N GLU B 111 3.94 15.50 -4.36
CA GLU B 111 5.12 15.21 -3.58
C GLU B 111 5.52 13.79 -3.91
N PHE B 112 6.81 13.51 -3.90
CA PHE B 112 7.33 12.19 -4.20
C PHE B 112 8.17 11.74 -3.05
N GLU B 113 7.56 10.96 -2.18
CA GLU B 113 8.24 10.46 -1.00
C GLU B 113 8.87 9.14 -1.32
N SER B 114 10.13 8.93 -0.93
CA SER B 114 10.82 7.67 -1.14
C SER B 114 10.07 6.55 -0.42
N ALA B 115 9.74 5.46 -1.12
CA ALA B 115 9.11 4.31 -0.46
C ALA B 115 10.17 3.61 0.38
N GLN B 116 11.42 3.52 -0.11
CA GLN B 116 12.54 2.90 0.60
C GLN B 116 12.86 3.68 1.89
N PHE B 117 12.89 5.01 1.81
CA PHE B 117 13.22 5.84 2.96
C PHE B 117 12.08 6.79 3.30
N PRO B 118 11.11 6.34 4.11
CA PRO B 118 9.99 7.21 4.45
C PRO B 118 10.42 8.54 5.08
N ASN B 119 9.69 9.60 4.78
CA ASN B 119 9.93 10.99 5.23
C ASN B 119 11.06 11.69 4.48
N TRP B 120 11.53 11.10 3.36
CA TRP B 120 12.55 11.67 2.50
C TRP B 120 11.87 11.88 1.16
N TYR B 121 11.97 13.06 0.62
CA TYR B 121 11.23 13.46 -0.57
C TYR B 121 12.13 14.01 -1.65
N ILE B 122 11.67 13.94 -2.92
CA ILE B 122 12.38 14.59 -4.03
C ILE B 122 12.28 16.10 -3.77
N SER B 123 13.43 16.78 -3.76
CA SER B 123 13.49 18.16 -3.36
C SER B 123 14.32 19.01 -4.29
N THR B 124 14.04 20.31 -4.28
CA THR B 124 14.84 21.27 -4.99
C THR B 124 15.18 22.37 -4.00
N SER B 125 16.25 23.09 -4.28
CA SER B 125 16.66 24.22 -3.48
C SER B 125 15.87 25.45 -3.96
N GLN B 126 15.80 26.51 -3.14
CA GLN B 126 15.23 27.78 -3.60
C GLN B 126 16.21 28.41 -4.62
N ALA B 127 17.53 28.19 -4.41
CA ALA B 127 18.61 28.68 -5.25
C ALA B 127 18.59 28.12 -6.67
N GLU B 128 19.02 28.93 -7.60
CA GLU B 128 19.02 28.65 -9.02
C GLU B 128 20.06 27.65 -9.43
N ASN B 129 19.72 26.74 -10.36
CA ASN B 129 20.65 25.80 -10.96
C ASN B 129 21.39 24.89 -9.96
N MET B 130 20.69 24.45 -8.91
CA MET B 130 21.26 23.55 -7.91
C MET B 130 20.71 22.14 -8.17
N PRO B 131 21.41 21.09 -7.70
CA PRO B 131 20.91 19.72 -7.94
C PRO B 131 19.56 19.40 -7.30
N VAL B 132 18.85 18.45 -7.91
CA VAL B 132 17.64 17.87 -7.38
C VAL B 132 18.17 16.80 -6.41
N PHE B 133 17.60 16.73 -5.22
CA PHE B 133 18.13 15.88 -4.17
C PHE B 133 17.02 15.27 -3.32
N LEU B 134 17.37 14.45 -2.34
CA LEU B 134 16.42 13.85 -1.44
C LEU B 134 16.54 14.59 -0.10
N GLY B 135 15.43 15.10 0.43
CA GLY B 135 15.44 15.79 1.71
C GLY B 135 14.16 15.69 2.51
N GLY B 136 14.13 16.27 3.70
CA GLY B 136 12.96 16.27 4.56
C GLY B 136 11.92 17.30 4.19
N THR B 137 10.72 17.21 4.78
CA THR B 137 9.64 18.15 4.52
C THR B 137 9.44 19.16 5.69
N LYS B 138 10.07 18.90 6.87
CA LYS B 138 10.01 19.75 8.08
C LYS B 138 10.77 21.07 7.96
N GLY B 139 11.63 21.20 6.96
CA GLY B 139 12.49 22.36 6.77
C GLY B 139 11.79 23.67 6.49
N GLY B 140 10.85 23.66 5.54
CA GLY B 140 10.15 24.87 5.16
C GLY B 140 10.92 25.75 4.19
N GLN B 141 12.23 25.46 4.01
CA GLN B 141 13.11 26.18 3.10
C GLN B 141 13.19 25.44 1.75
N ASP B 142 13.54 24.16 1.76
CA ASP B 142 13.65 23.36 0.54
C ASP B 142 12.27 23.03 -0.03
N ILE B 143 12.20 22.87 -1.35
CA ILE B 143 10.93 22.67 -2.03
C ILE B 143 10.66 21.21 -2.31
N THR B 144 9.52 20.70 -1.82
CA THR B 144 9.12 19.32 -2.03
C THR B 144 7.83 19.18 -2.87
N ASP B 145 7.23 20.31 -3.32
CA ASP B 145 5.99 20.32 -4.09
C ASP B 145 6.26 20.58 -5.55
N PHE B 146 5.61 19.82 -6.42
CA PHE B 146 5.78 19.90 -7.86
C PHE B 146 4.45 19.89 -8.60
N THR B 147 4.47 20.26 -9.86
CA THR B 147 3.32 20.13 -10.74
C THR B 147 3.80 19.28 -11.91
N MET B 148 2.89 18.49 -12.46
CA MET B 148 3.20 17.68 -13.62
C MET B 148 2.59 18.36 -14.84
N GLN B 149 3.33 18.34 -15.95
CA GLN B 149 2.83 18.79 -17.22
C GLN B 149 2.74 17.52 -18.01
N PHE B 150 1.52 16.95 -18.08
CA PHE B 150 1.22 15.69 -18.79
C PHE B 150 1.54 15.83 -20.27
N VAL B 151 2.29 14.89 -20.81
CA VAL B 151 2.65 14.91 -22.22
C VAL B 151 1.84 13.85 -22.98
N SER B 152 1.97 12.57 -22.62
CA SER B 152 1.23 11.50 -23.29
C SER B 152 1.05 10.28 -22.38
N SER B 153 0.20 9.29 -22.77
CA SER B 153 0.00 8.10 -21.94
C SER B 153 0.66 6.84 -22.52
N PRO C 2 -6.94 -2.44 -23.89
CA PRO C 2 -8.11 -2.17 -23.03
C PRO C 2 -8.27 -0.68 -22.75
N VAL C 3 -9.53 -0.23 -22.66
CA VAL C 3 -9.86 1.17 -22.42
C VAL C 3 -9.45 1.62 -21.02
N ARG C 4 -8.69 2.72 -20.93
CA ARG C 4 -8.24 3.24 -19.65
C ARG C 4 -9.33 4.07 -19.01
N SER C 5 -9.55 3.89 -17.71
CA SER C 5 -10.55 4.68 -17.00
C SER C 5 -10.20 4.90 -15.55
N LEU C 6 -10.80 5.93 -14.94
CA LEU C 6 -10.64 6.23 -13.53
C LEU C 6 -12.02 6.45 -12.90
N ASN C 7 -12.12 6.32 -11.60
CA ASN C 7 -13.33 6.62 -10.87
C ASN C 7 -13.13 8.00 -10.23
N CYS C 8 -14.18 8.82 -10.23
CA CYS C 8 -14.11 10.15 -9.69
C CYS C 8 -15.48 10.74 -9.40
N THR C 9 -15.49 11.79 -8.59
CA THR C 9 -16.67 12.60 -8.36
C THR C 9 -16.40 13.96 -9.00
N LEU C 10 -17.45 14.71 -9.24
CA LEU C 10 -17.32 16.00 -9.90
C LEU C 10 -18.02 17.06 -9.09
N ARG C 11 -17.41 18.24 -8.97
CA ARG C 11 -18.02 19.37 -8.27
C ARG C 11 -17.91 20.59 -9.16
N ASP C 12 -18.98 21.42 -9.25
CA ASP C 12 -18.89 22.63 -10.06
C ASP C 12 -18.00 23.69 -9.35
N SER C 13 -17.63 24.77 -10.06
CA SER C 13 -16.78 25.84 -9.52
C SER C 13 -17.36 26.55 -8.30
N GLN C 14 -18.65 26.34 -8.01
CA GLN C 14 -19.24 26.89 -6.80
C GLN C 14 -19.37 25.87 -5.67
N GLN C 15 -18.71 24.69 -5.83
CA GLN C 15 -18.65 23.57 -4.89
C GLN C 15 -19.93 22.79 -4.81
N LYS C 16 -20.77 22.80 -5.89
CA LYS C 16 -21.98 22.01 -5.90
C LYS C 16 -21.60 20.64 -6.42
N SER C 17 -21.83 19.62 -5.62
CA SER C 17 -21.61 18.24 -6.05
C SER C 17 -22.68 17.80 -7.03
N LEU C 18 -22.35 16.81 -7.88
CA LEU C 18 -23.32 16.25 -8.79
C LEU C 18 -23.95 15.00 -8.13
N VAL C 19 -25.28 14.97 -8.05
CA VAL C 19 -26.03 13.87 -7.45
C VAL C 19 -27.09 13.34 -8.43
N MET C 20 -27.52 12.10 -8.24
CA MET C 20 -28.51 11.48 -9.10
C MET C 20 -29.90 11.94 -8.67
N SER C 21 -30.67 12.52 -9.63
CA SER C 21 -32.02 13.03 -9.39
C SER C 21 -33.06 12.16 -10.11
N GLY C 22 -33.28 10.97 -9.57
CA GLY C 22 -34.14 9.99 -10.22
C GLY C 22 -33.36 9.32 -11.33
N PRO C 23 -34.02 8.46 -12.12
CA PRO C 23 -33.29 7.71 -13.16
C PRO C 23 -32.84 8.48 -14.39
N TYR C 24 -33.45 9.62 -14.66
CA TYR C 24 -33.24 10.29 -15.94
C TYR C 24 -32.35 11.52 -15.92
N GLU C 25 -31.86 11.92 -14.74
CA GLU C 25 -31.02 13.12 -14.71
C GLU C 25 -30.14 13.25 -13.47
N LEU C 26 -29.19 14.19 -13.55
CA LEU C 26 -28.33 14.53 -12.44
C LEU C 26 -28.73 15.95 -12.02
N LYS C 27 -28.52 16.28 -10.77
CA LYS C 27 -28.74 17.63 -10.24
C LYS C 27 -27.45 18.12 -9.55
N ALA C 28 -27.34 19.43 -9.31
CA ALA C 28 -26.17 19.96 -8.62
C ALA C 28 -26.58 20.69 -7.35
N LEU C 29 -25.99 20.29 -6.22
CA LEU C 29 -26.28 20.95 -4.95
C LEU C 29 -25.08 20.93 -3.99
N HIS C 30 -25.01 21.90 -3.08
CA HIS C 30 -23.94 21.96 -2.10
C HIS C 30 -24.13 20.85 -1.07
N LEU C 31 -23.15 19.95 -0.95
CA LEU C 31 -23.23 18.90 0.07
C LEU C 31 -22.43 19.38 1.27
N GLN C 32 -23.14 19.80 2.32
CA GLN C 32 -22.54 20.39 3.52
C GLN C 32 -22.24 19.37 4.60
N GLY C 33 -21.25 19.67 5.41
CA GLY C 33 -20.85 18.84 6.54
C GLY C 33 -20.13 17.56 6.16
N GLN C 34 -20.18 16.56 7.07
CA GLN C 34 -19.54 15.26 6.87
C GLN C 34 -20.05 14.48 5.63
N ASP C 35 -21.37 14.21 5.57
CA ASP C 35 -22.06 13.37 4.58
C ASP C 35 -22.00 13.85 3.13
N MET C 36 -21.14 13.17 2.35
CA MET C 36 -20.96 13.34 0.91
C MET C 36 -21.33 12.05 0.15
N GLU C 37 -22.03 11.08 0.79
CA GLU C 37 -22.42 9.80 0.20
C GLU C 37 -23.41 9.93 -0.97
N GLN C 38 -24.08 11.08 -1.10
CA GLN C 38 -25.04 11.30 -2.17
C GLN C 38 -24.37 11.55 -3.51
N GLN C 39 -23.11 12.03 -3.53
CA GLN C 39 -22.51 12.38 -4.80
C GLN C 39 -22.29 11.17 -5.72
N VAL C 40 -22.58 11.40 -6.98
CA VAL C 40 -22.44 10.42 -8.03
C VAL C 40 -20.96 10.10 -8.32
N VAL C 41 -20.64 8.80 -8.38
CA VAL C 41 -19.30 8.37 -8.72
C VAL C 41 -19.30 8.05 -10.21
N PHE C 42 -18.52 8.77 -10.96
CA PHE C 42 -18.37 8.57 -12.38
C PHE C 42 -17.20 7.63 -12.66
N SER C 43 -17.23 7.02 -13.83
CA SER C 43 -16.17 6.19 -14.36
C SER C 43 -15.80 6.90 -15.65
N MET C 44 -14.74 7.73 -15.61
CA MET C 44 -14.28 8.51 -16.76
C MET C 44 -13.23 7.75 -17.57
N SER C 45 -13.59 7.36 -18.80
CA SER C 45 -12.74 6.61 -19.71
C SER C 45 -12.07 7.51 -20.71
N PHE C 46 -10.88 7.14 -21.11
CA PHE C 46 -10.13 7.88 -22.10
C PHE C 46 -10.45 7.23 -23.44
N VAL C 47 -11.20 7.94 -24.27
CA VAL C 47 -11.68 7.39 -25.53
C VAL C 47 -10.93 7.92 -26.77
N GLN C 48 -11.11 7.27 -27.93
CA GLN C 48 -10.48 7.72 -29.15
C GLN C 48 -11.16 9.01 -29.62
N GLY C 49 -10.36 9.93 -30.12
CA GLY C 49 -10.84 11.22 -30.60
C GLY C 49 -9.76 11.99 -31.32
N GLU C 50 -9.93 13.32 -31.45
CA GLU C 50 -8.95 14.16 -32.12
C GLU C 50 -7.88 14.64 -31.14
N GLU C 51 -6.63 14.30 -31.41
CA GLU C 51 -5.49 14.63 -30.55
C GLU C 51 -5.16 16.13 -30.55
N SER C 52 -5.06 16.73 -29.37
CA SER C 52 -4.74 18.16 -29.22
C SER C 52 -4.13 18.38 -27.83
N ASN C 53 -3.04 19.17 -27.71
CA ASN C 53 -2.44 19.45 -26.39
C ASN C 53 -3.27 20.50 -25.60
N ASP C 54 -4.59 20.47 -25.79
CA ASP C 54 -5.57 21.32 -25.15
C ASP C 54 -6.74 20.44 -24.68
N LYS C 55 -7.15 19.45 -25.51
CA LYS C 55 -8.30 18.61 -25.18
C LYS C 55 -8.01 17.12 -25.08
N ILE C 56 -8.68 16.45 -24.14
CA ILE C 56 -8.56 15.01 -23.94
C ILE C 56 -9.96 14.38 -24.09
N PRO C 57 -10.24 13.60 -25.15
CA PRO C 57 -11.57 12.99 -25.29
C PRO C 57 -11.83 11.92 -24.23
N VAL C 58 -12.96 12.08 -23.51
CA VAL C 58 -13.38 11.17 -22.46
C VAL C 58 -14.88 10.82 -22.59
N ALA C 59 -15.29 9.70 -21.96
CA ALA C 59 -16.68 9.30 -21.81
C ALA C 59 -16.94 9.26 -20.29
N LEU C 60 -18.14 9.66 -19.87
CA LEU C 60 -18.51 9.69 -18.46
C LEU C 60 -19.64 8.72 -18.14
N GLY C 61 -19.27 7.58 -17.59
CA GLY C 61 -20.24 6.57 -17.19
C GLY C 61 -20.57 6.70 -15.72
N LEU C 62 -21.75 6.23 -15.31
CA LEU C 62 -22.15 6.25 -13.92
C LEU C 62 -21.78 4.91 -13.38
N LYS C 63 -20.83 4.88 -12.43
CA LYS C 63 -20.28 3.66 -11.85
C LYS C 63 -21.34 2.75 -11.26
N GLU C 64 -21.28 1.44 -11.61
CA GLU C 64 -22.18 0.37 -11.16
C GLU C 64 -23.61 0.50 -11.70
N LYS C 65 -23.98 1.67 -12.21
CA LYS C 65 -25.26 1.93 -12.88
C LYS C 65 -24.88 1.81 -14.36
N ASN C 66 -25.67 1.12 -15.19
CA ASN C 66 -25.32 0.96 -16.61
C ASN C 66 -25.71 2.20 -17.42
N LEU C 67 -25.18 3.37 -17.05
CA LEU C 67 -25.55 4.62 -17.70
C LEU C 67 -24.38 5.42 -18.18
N TYR C 68 -24.56 6.16 -19.28
CA TYR C 68 -23.54 7.06 -19.77
C TYR C 68 -24.17 8.40 -20.06
N LEU C 69 -23.42 9.48 -19.80
CA LEU C 69 -23.87 10.82 -20.17
C LEU C 69 -23.77 10.90 -21.72
N SER C 70 -24.83 11.36 -22.36
CA SER C 70 -24.80 11.48 -23.84
C SER C 70 -25.44 12.77 -24.32
N CYS C 71 -25.05 13.20 -25.52
CA CYS C 71 -25.54 14.45 -26.07
C CYS C 71 -26.39 14.12 -27.27
N VAL C 72 -27.67 14.42 -27.19
CA VAL C 72 -28.60 14.11 -28.27
C VAL C 72 -29.38 15.34 -28.66
N LEU C 73 -29.69 15.45 -29.94
CA LEU C 73 -30.46 16.57 -30.44
C LEU C 73 -31.95 16.32 -30.11
N LYS C 74 -32.62 17.30 -29.49
CA LYS C 74 -34.04 17.22 -29.18
C LYS C 74 -34.65 18.57 -29.53
N ASP C 75 -35.55 18.60 -30.51
CA ASP C 75 -36.17 19.85 -30.96
C ASP C 75 -35.12 20.82 -31.50
N ASP C 76 -34.13 20.30 -32.26
CA ASP C 76 -33.07 21.12 -32.85
C ASP C 76 -32.21 21.81 -31.78
N LYS C 77 -32.10 21.20 -30.58
CA LYS C 77 -31.30 21.73 -29.49
C LYS C 77 -30.50 20.60 -28.82
N PRO C 78 -29.15 20.69 -28.78
CA PRO C 78 -28.34 19.66 -28.10
C PRO C 78 -28.75 19.53 -26.63
N THR C 79 -28.90 18.28 -26.14
CA THR C 79 -29.44 17.97 -24.82
C THR C 79 -28.63 16.89 -24.11
N LEU C 80 -28.45 17.01 -22.78
CA LEU C 80 -27.72 16.03 -22.00
C LEU C 80 -28.70 14.96 -21.54
N GLN C 81 -28.37 13.69 -21.74
CA GLN C 81 -29.26 12.59 -21.34
C GLN C 81 -28.48 11.49 -20.63
N LEU C 82 -29.16 10.68 -19.82
CA LEU C 82 -28.53 9.52 -19.19
C LEU C 82 -28.98 8.34 -20.03
N GLU C 83 -28.04 7.73 -20.76
CA GLU C 83 -28.36 6.63 -21.67
C GLU C 83 -28.01 5.27 -21.07
N SER C 84 -28.98 4.36 -21.06
CA SER C 84 -28.83 3.00 -20.57
C SER C 84 -28.12 2.17 -21.65
N VAL C 85 -27.10 1.40 -21.26
CA VAL C 85 -26.33 0.59 -22.21
C VAL C 85 -26.18 -0.86 -21.72
N ASP C 86 -25.85 -1.78 -22.65
CA ASP C 86 -25.57 -3.17 -22.31
C ASP C 86 -24.18 -3.15 -21.65
N PRO C 87 -24.07 -3.62 -20.39
CA PRO C 87 -22.76 -3.59 -19.70
C PRO C 87 -21.67 -4.47 -20.32
N LYS C 88 -22.05 -5.41 -21.20
CA LYS C 88 -21.08 -6.27 -21.84
C LYS C 88 -20.32 -5.49 -22.92
N ASN C 89 -21.03 -4.65 -23.68
CA ASN C 89 -20.46 -3.85 -24.75
C ASN C 89 -19.74 -2.57 -24.29
N TYR C 90 -19.91 -2.19 -23.02
CA TYR C 90 -19.33 -0.95 -22.51
C TYR C 90 -18.49 -1.17 -21.25
N PRO C 91 -17.39 -0.40 -21.07
CA PRO C 91 -16.87 0.68 -21.93
C PRO C 91 -16.05 0.18 -23.11
N LYS C 92 -15.79 1.06 -24.09
CA LYS C 92 -14.98 0.70 -25.24
C LYS C 92 -14.08 1.84 -25.71
N LYS C 93 -12.95 1.51 -26.37
CA LYS C 93 -12.01 2.51 -26.87
C LYS C 93 -12.68 3.44 -27.87
N LYS C 94 -13.41 2.86 -28.85
CA LYS C 94 -14.14 3.66 -29.82
C LYS C 94 -15.60 3.88 -29.39
N MET C 95 -15.82 4.83 -28.46
CA MET C 95 -17.19 5.15 -28.02
C MET C 95 -17.87 5.99 -29.11
N GLU C 96 -19.20 5.89 -29.19
CA GLU C 96 -19.97 6.66 -30.14
C GLU C 96 -19.85 8.15 -29.81
N LYS C 97 -19.77 9.03 -30.83
CA LYS C 97 -19.59 10.47 -30.64
C LYS C 97 -20.55 11.14 -29.64
N ARG C 98 -21.79 10.63 -29.51
CA ARG C 98 -22.74 11.18 -28.55
C ARG C 98 -22.25 11.07 -27.10
N PHE C 99 -21.44 10.06 -26.79
CA PHE C 99 -20.91 9.85 -25.44
C PHE C 99 -19.59 10.59 -25.17
N VAL C 100 -18.97 11.15 -26.21
CA VAL C 100 -17.65 11.77 -26.10
C VAL C 100 -17.70 13.26 -25.73
N PHE C 101 -16.91 13.60 -24.72
CA PHE C 101 -16.71 14.95 -24.21
C PHE C 101 -15.19 15.25 -24.27
N ASN C 102 -14.83 16.43 -24.72
CA ASN C 102 -13.46 16.88 -24.75
C ASN C 102 -13.19 17.56 -23.42
N LYS C 103 -12.34 16.94 -22.60
CA LYS C 103 -11.96 17.49 -21.31
C LYS C 103 -10.93 18.59 -21.57
N ILE C 104 -11.24 19.82 -21.16
CA ILE C 104 -10.41 21.00 -21.33
C ILE C 104 -10.00 21.54 -19.97
N GLU C 105 -8.80 22.13 -19.86
CA GLU C 105 -8.36 22.69 -18.58
C GLU C 105 -8.15 24.18 -18.62
N ILE C 106 -8.83 24.93 -17.73
CA ILE C 106 -8.66 26.38 -17.60
C ILE C 106 -8.54 26.72 -16.11
N ASN C 107 -7.42 27.32 -15.69
CA ASN C 107 -7.16 27.74 -14.31
C ASN C 107 -7.49 26.64 -13.27
N ASN C 108 -6.73 25.54 -13.27
CA ASN C 108 -6.89 24.37 -12.39
C ASN C 108 -8.37 23.86 -12.25
N LYS C 109 -9.14 23.98 -13.33
CA LYS C 109 -10.53 23.50 -13.43
C LYS C 109 -10.70 22.78 -14.77
N LEU C 110 -11.74 21.98 -14.87
CA LEU C 110 -12.06 21.19 -16.04
C LEU C 110 -13.39 21.62 -16.67
N GLU C 111 -13.44 21.53 -17.99
CA GLU C 111 -14.63 21.76 -18.77
C GLU C 111 -14.85 20.50 -19.60
N PHE C 112 -16.11 20.16 -19.88
CA PHE C 112 -16.43 19.00 -20.68
C PHE C 112 -17.29 19.45 -21.84
N GLU C 113 -16.64 19.67 -22.97
CA GLU C 113 -17.32 20.13 -24.16
C GLU C 113 -17.78 18.94 -24.95
N SER C 114 -19.04 18.94 -25.42
CA SER C 114 -19.56 17.86 -26.26
C SER C 114 -18.71 17.75 -27.54
N ALA C 115 -18.24 16.54 -27.87
CA ALA C 115 -17.51 16.36 -29.13
C ALA C 115 -18.52 16.41 -30.27
N GLN C 116 -19.73 15.83 -30.07
CA GLN C 116 -20.81 15.82 -31.06
C GLN C 116 -21.30 17.24 -31.35
N PHE C 117 -21.45 18.05 -30.31
CA PHE C 117 -21.96 19.41 -30.48
C PHE C 117 -20.96 20.42 -29.93
N PRO C 118 -19.99 20.85 -30.77
CA PRO C 118 -19.00 21.82 -30.30
C PRO C 118 -19.62 23.11 -29.75
N ASN C 119 -18.99 23.67 -28.70
CA ASN C 119 -19.42 24.88 -27.99
C ASN C 119 -20.58 24.65 -27.03
N TRP C 120 -20.92 23.39 -26.74
CA TRP C 120 -21.94 23.01 -25.78
C TRP C 120 -21.20 22.24 -24.71
N TYR C 121 -21.43 22.59 -23.47
CA TYR C 121 -20.67 22.03 -22.36
C TYR C 121 -21.56 21.45 -21.30
N ILE C 122 -21.04 20.51 -20.48
CA ILE C 122 -21.77 20.03 -19.30
C ILE C 122 -21.85 21.25 -18.36
N SER C 123 -23.08 21.64 -18.02
CA SER C 123 -23.36 22.85 -17.28
C SER C 123 -24.21 22.61 -16.08
N THR C 124 -24.06 23.49 -15.07
CA THR C 124 -24.93 23.53 -13.90
C THR C 124 -25.45 24.97 -13.78
N SER C 125 -26.55 25.14 -13.09
CA SER C 125 -27.15 26.44 -12.85
C SER C 125 -26.46 27.02 -11.59
N GLN C 126 -26.46 28.35 -11.42
CA GLN C 126 -25.95 28.95 -10.20
C GLN C 126 -26.87 28.52 -9.00
N ALA C 127 -28.20 28.37 -9.27
CA ALA C 127 -29.20 27.98 -8.27
C ALA C 127 -29.02 26.53 -7.78
N GLU C 128 -29.38 26.29 -6.54
CA GLU C 128 -29.27 24.98 -5.91
C GLU C 128 -30.30 24.01 -6.44
N ASN C 129 -29.93 22.72 -6.41
CA ASN C 129 -30.79 21.58 -6.71
C ASN C 129 -31.48 21.62 -8.09
N MET C 130 -30.82 22.18 -9.10
CA MET C 130 -31.37 22.22 -10.46
C MET C 130 -30.67 21.15 -11.31
N PRO C 131 -31.29 20.69 -12.42
CA PRO C 131 -30.64 19.66 -13.25
C PRO C 131 -29.32 20.07 -13.88
N VAL C 132 -28.46 19.08 -14.17
CA VAL C 132 -27.24 19.23 -14.94
C VAL C 132 -27.74 19.12 -16.38
N PHE C 133 -27.22 19.96 -17.26
CA PHE C 133 -27.68 20.04 -18.63
C PHE C 133 -26.52 20.34 -19.59
N LEU C 134 -26.78 20.42 -20.90
CA LEU C 134 -25.77 20.83 -21.86
C LEU C 134 -26.08 22.30 -22.15
N GLY C 135 -25.16 23.18 -21.84
CA GLY C 135 -25.35 24.61 -22.02
C GLY C 135 -24.51 25.23 -23.11
N GLY C 136 -25.09 26.22 -23.79
CA GLY C 136 -24.47 26.99 -24.86
C GLY C 136 -24.60 28.48 -24.61
N THR C 137 -25.72 29.08 -25.06
CA THR C 137 -26.04 30.50 -24.88
C THR C 137 -26.26 30.83 -23.37
N GLY C 140 -24.11 32.80 -20.86
CA GLY C 140 -22.79 32.83 -20.26
C GLY C 140 -22.77 32.75 -18.73
N GLN C 141 -23.97 32.80 -18.08
CA GLN C 141 -24.04 32.80 -16.60
C GLN C 141 -24.12 31.41 -15.97
N ASP C 142 -24.30 30.37 -16.78
CA ASP C 142 -24.31 29.01 -16.27
C ASP C 142 -22.87 28.58 -15.92
N ILE C 143 -22.70 27.57 -15.06
CA ILE C 143 -21.38 27.10 -14.65
C ILE C 143 -20.91 25.94 -15.50
N THR C 144 -19.76 26.10 -16.16
CA THR C 144 -19.20 25.05 -17.00
C THR C 144 -17.85 24.52 -16.48
N ASP C 145 -17.38 25.03 -15.32
CA ASP C 145 -16.09 24.65 -14.72
C ASP C 145 -16.29 23.72 -13.57
N PHE C 146 -15.50 22.65 -13.53
CA PHE C 146 -15.59 21.61 -12.51
C PHE C 146 -14.22 21.24 -11.96
N THR C 147 -14.22 20.64 -10.78
CA THR C 147 -13.05 20.02 -10.18
C THR C 147 -13.41 18.53 -10.08
N MET C 148 -12.43 17.69 -10.32
CA MET C 148 -12.56 16.25 -10.22
C MET C 148 -11.96 15.83 -8.85
N GLN C 149 -12.61 14.89 -8.17
CA GLN C 149 -12.09 14.36 -6.91
C GLN C 149 -11.84 12.91 -7.25
N PHE C 150 -10.57 12.57 -7.45
CA PHE C 150 -10.14 11.24 -7.85
C PHE C 150 -10.47 10.23 -6.78
N VAL C 151 -11.05 9.09 -7.19
CA VAL C 151 -11.35 8.01 -6.26
C VAL C 151 -10.45 6.80 -6.53
N SER C 152 -9.75 6.31 -5.52
CA SER C 152 -8.84 5.15 -5.61
C SER C 152 -9.32 3.99 -6.52
N VAL D 3 -4.35 0.13 20.61
CA VAL D 3 -4.54 -1.25 20.14
C VAL D 3 -3.54 -1.62 19.03
N ARG D 4 -2.81 -2.73 19.20
CA ARG D 4 -1.85 -3.17 18.21
C ARG D 4 -2.54 -3.90 17.08
N SER D 5 -2.14 -3.64 15.84
CA SER D 5 -2.72 -4.32 14.70
C SER D 5 -1.74 -4.47 13.53
N LEU D 6 -2.01 -5.42 12.66
CA LEU D 6 -1.23 -5.65 11.44
C LEU D 6 -2.18 -5.79 10.26
N ASN D 7 -1.67 -5.57 9.06
CA ASN D 7 -2.42 -5.77 7.85
C ASN D 7 -1.96 -7.11 7.28
N CYS D 8 -2.92 -7.89 6.76
CA CYS D 8 -2.62 -9.21 6.21
C CYS D 8 -3.74 -9.70 5.31
N THR D 9 -3.42 -10.68 4.48
CA THR D 9 -4.42 -11.40 3.72
C THR D 9 -4.44 -12.83 4.30
N LEU D 10 -5.50 -13.57 4.01
CA LEU D 10 -5.64 -14.93 4.49
C LEU D 10 -5.93 -15.85 3.32
N ARG D 11 -5.41 -17.06 3.39
CA ARG D 11 -5.68 -18.06 2.37
C ARG D 11 -6.03 -19.35 3.10
N ASP D 12 -7.06 -20.07 2.63
CA ASP D 12 -7.39 -21.35 3.25
C ASP D 12 -6.31 -22.40 2.92
N SER D 13 -6.28 -23.55 3.64
CA SER D 13 -5.26 -24.60 3.45
C SER D 13 -5.21 -25.17 2.04
N GLN D 14 -6.21 -24.88 1.19
CA GLN D 14 -6.19 -25.33 -0.19
C GLN D 14 -5.77 -24.22 -1.18
N GLN D 15 -5.26 -23.08 -0.65
CA GLN D 15 -4.77 -21.90 -1.37
C GLN D 15 -5.87 -21.07 -1.98
N LYS D 16 -7.07 -21.10 -1.40
CA LYS D 16 -8.16 -20.28 -1.87
C LYS D 16 -8.03 -18.93 -1.19
N SER D 17 -8.16 -17.86 -1.96
CA SER D 17 -8.14 -16.49 -1.46
C SER D 17 -9.53 -16.05 -0.99
N LEU D 18 -9.59 -15.04 -0.10
CA LEU D 18 -10.86 -14.53 0.38
C LEU D 18 -11.10 -13.20 -0.29
N VAL D 19 -12.30 -13.04 -0.87
CA VAL D 19 -12.69 -11.81 -1.56
C VAL D 19 -14.04 -11.34 -1.03
N MET D 20 -14.34 -10.06 -1.22
CA MET D 20 -15.61 -9.49 -0.80
C MET D 20 -16.69 -9.84 -1.84
N SER D 21 -17.76 -10.52 -1.38
CA SER D 21 -18.88 -10.93 -2.24
C SER D 21 -20.14 -10.10 -1.93
N GLY D 22 -20.14 -8.86 -2.40
CA GLY D 22 -21.20 -7.94 -2.06
C GLY D 22 -20.99 -7.43 -0.64
N PRO D 23 -21.95 -6.65 -0.13
CA PRO D 23 -21.74 -6.02 1.19
C PRO D 23 -21.83 -6.92 2.41
N TYR D 24 -22.47 -8.07 2.29
CA TYR D 24 -22.76 -8.88 3.47
C TYR D 24 -21.96 -10.15 3.64
N GLU D 25 -20.97 -10.39 2.79
CA GLU D 25 -20.29 -11.66 2.82
C GLU D 25 -18.91 -11.66 2.22
N LEU D 26 -18.11 -12.65 2.58
CA LEU D 26 -16.83 -12.92 1.93
C LEU D 26 -17.00 -14.27 1.24
N LYS D 27 -16.30 -14.48 0.15
CA LYS D 27 -16.27 -15.76 -0.53
C LYS D 27 -14.80 -16.24 -0.67
N ALA D 28 -14.61 -17.54 -0.89
CA ALA D 28 -13.26 -18.10 -1.06
C ALA D 28 -13.10 -18.74 -2.44
N LEU D 29 -12.05 -18.39 -3.15
CA LEU D 29 -11.79 -18.93 -4.49
C LEU D 29 -10.31 -18.82 -4.87
N HIS D 30 -9.83 -19.67 -5.79
CA HIS D 30 -8.44 -19.58 -6.22
C HIS D 30 -8.27 -18.40 -7.17
N LEU D 31 -7.34 -17.51 -6.84
CA LEU D 31 -7.04 -16.35 -7.67
C LEU D 31 -5.63 -16.55 -8.24
N GLN D 32 -5.44 -16.36 -9.54
CA GLN D 32 -4.12 -16.55 -10.15
C GLN D 32 -3.52 -15.26 -10.69
N GLY D 33 -2.31 -14.93 -10.20
CA GLY D 33 -1.53 -13.77 -10.62
C GLY D 33 -2.17 -12.41 -10.40
N GLN D 34 -2.58 -11.74 -11.51
CA GLN D 34 -3.21 -10.42 -11.49
C GLN D 34 -4.56 -10.42 -10.74
N ASP D 35 -5.26 -11.56 -10.75
CA ASP D 35 -6.54 -11.68 -10.06
C ASP D 35 -6.39 -11.57 -8.54
N MET D 36 -5.17 -11.70 -7.98
CA MET D 36 -5.00 -11.66 -6.53
C MET D 36 -5.19 -10.26 -5.91
N GLU D 37 -5.29 -9.20 -6.73
CA GLU D 37 -5.56 -7.86 -6.19
C GLU D 37 -6.99 -7.72 -5.62
N GLN D 38 -7.89 -8.67 -5.94
CA GLN D 38 -9.26 -8.71 -5.42
C GLN D 38 -9.31 -9.21 -3.98
N GLN D 39 -8.25 -9.89 -3.48
CA GLN D 39 -8.31 -10.43 -2.13
C GLN D 39 -8.46 -9.35 -1.06
N VAL D 40 -9.23 -9.68 -0.05
CA VAL D 40 -9.50 -8.82 1.08
C VAL D 40 -8.24 -8.63 1.93
N VAL D 41 -7.94 -7.38 2.27
CA VAL D 41 -6.85 -7.09 3.17
C VAL D 41 -7.48 -6.85 4.54
N PHE D 42 -7.10 -7.65 5.50
CA PHE D 42 -7.58 -7.54 6.85
C PHE D 42 -6.68 -6.66 7.69
N SER D 43 -7.27 -6.10 8.72
CA SER D 43 -6.55 -5.38 9.74
C SER D 43 -6.83 -6.20 10.98
N MET D 44 -5.89 -7.06 11.34
CA MET D 44 -5.99 -7.93 12.51
C MET D 44 -5.47 -7.24 13.74
N SER D 45 -6.36 -6.95 14.70
CA SER D 45 -5.99 -6.29 15.95
C SER D 45 -5.84 -7.31 17.06
N PHE D 46 -4.92 -7.03 17.99
CA PHE D 46 -4.69 -7.88 19.16
C PHE D 46 -5.55 -7.32 20.28
N VAL D 47 -6.65 -8.01 20.59
CA VAL D 47 -7.60 -7.53 21.60
C VAL D 47 -7.43 -8.22 22.99
N GLN D 48 -8.15 -7.75 24.02
CA GLN D 48 -8.08 -8.33 25.35
C GLN D 48 -8.97 -9.59 25.40
N GLY D 49 -8.49 -10.62 26.09
CA GLY D 49 -9.22 -11.88 26.21
C GLY D 49 -8.78 -12.71 27.37
N SER D 52 -6.28 -16.96 28.18
CA SER D 52 -5.79 -17.28 26.85
C SER D 52 -4.72 -18.37 26.91
N ASN D 53 -5.16 -19.63 27.01
CA ASN D 53 -4.24 -20.76 27.08
C ASN D 53 -3.96 -21.24 25.66
N ASP D 54 -2.79 -20.87 25.12
CA ASP D 54 -2.29 -21.23 23.79
C ASP D 54 -3.11 -20.64 22.62
N LYS D 55 -3.85 -19.57 22.89
CA LYS D 55 -4.67 -18.86 21.89
C LYS D 55 -4.37 -17.36 22.00
N ILE D 56 -4.52 -16.64 20.91
CA ILE D 56 -4.32 -15.19 20.88
C ILE D 56 -5.62 -14.51 20.44
N PRO D 57 -6.35 -13.80 21.33
CA PRO D 57 -7.58 -13.13 20.89
C PRO D 57 -7.30 -11.98 19.90
N VAL D 58 -7.96 -12.07 18.74
CA VAL D 58 -7.87 -11.10 17.66
C VAL D 58 -9.26 -10.68 17.15
N ALA D 59 -9.32 -9.48 16.55
CA ALA D 59 -10.48 -9.01 15.83
C ALA D 59 -10.02 -8.86 14.37
N LEU D 60 -10.92 -9.18 13.42
CA LEU D 60 -10.62 -9.09 11.99
C LEU D 60 -11.43 -8.02 11.28
N GLY D 61 -10.83 -6.87 11.08
CA GLY D 61 -11.48 -5.78 10.38
C GLY D 61 -11.11 -5.77 8.91
N LEU D 62 -11.97 -5.22 8.06
CA LEU D 62 -11.68 -5.14 6.64
C LEU D 62 -11.06 -3.77 6.45
N LYS D 63 -9.78 -3.74 6.01
CA LYS D 63 -9.00 -2.52 5.85
C LYS D 63 -9.66 -1.49 4.95
N GLU D 64 -9.73 -0.23 5.45
CA GLU D 64 -10.31 0.94 4.77
C GLU D 64 -11.84 0.86 4.58
N LYS D 65 -12.42 -0.33 4.76
CA LYS D 65 -13.86 -0.55 4.77
C LYS D 65 -14.19 -0.58 6.26
N ASN D 66 -15.26 0.07 6.70
CA ASN D 66 -15.61 0.10 8.12
C ASN D 66 -16.38 -1.17 8.53
N LEU D 67 -15.76 -2.35 8.34
CA LEU D 67 -16.43 -3.62 8.63
C LEU D 67 -15.61 -4.51 9.53
N TYR D 68 -16.29 -5.34 10.31
CA TYR D 68 -15.61 -6.33 11.15
C TYR D 68 -16.33 -7.65 11.03
N LEU D 69 -15.58 -8.75 11.06
CA LEU D 69 -16.16 -10.08 11.07
C LEU D 69 -16.76 -10.28 12.48
N SER D 70 -18.01 -10.74 12.55
CA SER D 70 -18.66 -10.95 13.85
C SER D 70 -19.45 -12.26 13.89
N CYS D 71 -19.67 -12.80 15.09
CA CYS D 71 -20.35 -14.07 15.27
C CYS D 71 -21.65 -13.78 15.97
N VAL D 72 -22.74 -14.06 15.30
CA VAL D 72 -24.06 -13.82 15.87
C VAL D 72 -24.92 -15.07 15.79
N LEU D 73 -25.73 -15.28 16.81
CA LEU D 73 -26.63 -16.43 16.84
C LEU D 73 -27.82 -16.13 15.93
N LYS D 74 -28.14 -17.06 15.03
CA LYS D 74 -29.30 -16.95 14.15
C LYS D 74 -29.97 -18.31 14.11
N ASP D 75 -31.18 -18.42 14.68
CA ASP D 75 -31.93 -19.68 14.75
C ASP D 75 -31.15 -20.74 15.55
N ASP D 76 -30.58 -20.34 16.69
CA ASP D 76 -29.80 -21.22 17.57
C ASP D 76 -28.54 -21.77 16.88
N LYS D 77 -28.00 -21.04 15.89
CA LYS D 77 -26.82 -21.48 15.17
C LYS D 77 -25.85 -20.33 14.99
N PRO D 78 -24.57 -20.54 15.39
CA PRO D 78 -23.56 -19.47 15.26
C PRO D 78 -23.28 -19.13 13.80
N THR D 79 -23.33 -17.84 13.49
CA THR D 79 -23.24 -17.37 12.12
C THR D 79 -22.19 -16.28 11.94
N LEU D 80 -21.46 -16.30 10.82
CA LEU D 80 -20.46 -15.27 10.52
C LEU D 80 -21.12 -14.13 9.76
N GLN D 81 -20.92 -12.90 10.23
CA GLN D 81 -21.52 -11.72 9.60
C GLN D 81 -20.50 -10.61 9.41
N LEU D 82 -20.73 -9.69 8.48
CA LEU D 82 -19.89 -8.52 8.32
C LEU D 82 -20.66 -7.38 8.96
N GLU D 83 -20.11 -6.82 10.04
CA GLU D 83 -20.77 -5.76 10.78
C GLU D 83 -20.16 -4.39 10.50
N SER D 84 -20.99 -3.42 10.14
CA SER D 84 -20.61 -2.04 9.87
C SER D 84 -20.45 -1.32 11.21
N VAL D 85 -19.36 -0.58 11.38
CA VAL D 85 -19.09 0.13 12.63
C VAL D 85 -18.70 1.60 12.38
N ASP D 86 -18.79 2.45 13.42
CA ASP D 86 -18.37 3.83 13.35
C ASP D 86 -16.83 3.79 13.39
N PRO D 87 -16.15 4.33 12.36
CA PRO D 87 -14.67 4.26 12.33
C PRO D 87 -13.96 5.03 13.43
N LYS D 88 -14.67 5.95 14.12
CA LYS D 88 -14.08 6.72 15.20
C LYS D 88 -13.90 5.82 16.44
N ASN D 89 -14.90 4.98 16.72
CA ASN D 89 -14.90 4.08 17.87
C ASN D 89 -14.09 2.79 17.67
N TYR D 90 -13.66 2.50 16.43
CA TYR D 90 -12.95 1.26 16.14
C TYR D 90 -11.64 1.49 15.41
N PRO D 91 -10.59 0.68 15.67
CA PRO D 91 -10.54 -0.47 16.58
C PRO D 91 -10.33 -0.09 18.04
N LYS D 92 -10.56 -1.04 18.95
CA LYS D 92 -10.35 -0.79 20.38
C LYS D 92 -9.78 -2.01 21.11
N LYS D 93 -9.08 -1.78 22.22
CA LYS D 93 -8.46 -2.85 23.02
C LYS D 93 -9.54 -3.81 23.55
N LYS D 94 -10.62 -3.26 24.12
CA LYS D 94 -11.74 -4.09 24.59
C LYS D 94 -12.84 -4.21 23.52
N MET D 95 -12.64 -5.08 22.52
CA MET D 95 -13.66 -5.30 21.49
C MET D 95 -14.78 -6.15 22.08
N GLU D 96 -16.00 -5.99 21.56
CA GLU D 96 -17.14 -6.79 22.00
C GLU D 96 -16.89 -8.26 21.62
N LYS D 97 -17.31 -9.20 22.49
CA LYS D 97 -17.08 -10.64 22.29
C LYS D 97 -17.48 -11.18 20.92
N ARG D 98 -18.54 -10.60 20.30
CA ARG D 98 -18.96 -11.05 18.97
C ARG D 98 -17.87 -10.87 17.91
N PHE D 99 -16.99 -9.87 18.07
CA PHE D 99 -15.90 -9.61 17.12
C PHE D 99 -14.61 -10.39 17.41
N VAL D 100 -14.52 -11.03 18.58
CA VAL D 100 -13.33 -11.73 19.02
C VAL D 100 -13.23 -13.18 18.55
N PHE D 101 -12.08 -13.50 17.96
CA PHE D 101 -11.68 -14.82 17.50
C PHE D 101 -10.38 -15.19 18.20
N ASN D 102 -10.27 -16.42 18.67
CA ASN D 102 -9.05 -16.92 19.27
C ASN D 102 -8.23 -17.52 18.16
N LYS D 103 -7.11 -16.89 17.86
CA LYS D 103 -6.19 -17.37 16.84
C LYS D 103 -5.39 -18.53 17.45
N ILE D 104 -5.54 -19.71 16.85
CA ILE D 104 -4.88 -20.95 17.29
C ILE D 104 -3.88 -21.36 16.22
N GLU D 105 -2.70 -21.76 16.63
CA GLU D 105 -1.65 -22.18 15.72
C GLU D 105 -1.46 -23.68 15.76
N ILE D 106 -1.66 -24.37 14.63
CA ILE D 106 -1.45 -25.82 14.54
C ILE D 106 -0.81 -26.21 13.20
N ASN D 107 0.35 -26.90 13.26
CA ASN D 107 1.12 -27.38 12.11
C ASN D 107 1.35 -26.28 11.07
N ASN D 108 1.85 -25.13 11.50
CA ASN D 108 2.15 -23.96 10.64
C ASN D 108 0.95 -23.35 9.94
N LYS D 109 -0.23 -23.51 10.54
CA LYS D 109 -1.46 -22.94 10.03
C LYS D 109 -2.23 -22.30 11.20
N LEU D 110 -3.18 -21.46 10.86
CA LEU D 110 -3.97 -20.73 11.82
C LEU D 110 -5.44 -21.12 11.74
N GLU D 111 -6.08 -21.13 12.90
CA GLU D 111 -7.50 -21.36 13.04
C GLU D 111 -8.04 -20.15 13.80
N PHE D 112 -9.28 -19.79 13.51
CA PHE D 112 -9.93 -18.65 14.15
C PHE D 112 -11.20 -19.14 14.76
N GLU D 113 -11.14 -19.45 16.04
CA GLU D 113 -12.29 -19.96 16.75
C GLU D 113 -13.03 -18.79 17.34
N SER D 114 -14.36 -18.80 17.25
CA SER D 114 -15.17 -17.75 17.85
C SER D 114 -15.00 -17.77 19.38
N ALA D 115 -14.71 -16.60 19.96
CA ALA D 115 -14.60 -16.52 21.42
C ALA D 115 -15.99 -16.55 22.06
N GLN D 116 -17.03 -16.09 21.35
CA GLN D 116 -18.39 -16.12 21.90
C GLN D 116 -19.00 -17.52 21.74
N PHE D 117 -18.68 -18.20 20.62
CA PHE D 117 -19.23 -19.54 20.39
C PHE D 117 -18.13 -20.56 20.28
N PRO D 118 -17.67 -21.10 21.42
CA PRO D 118 -16.58 -22.09 21.37
C PRO D 118 -16.87 -23.28 20.48
N ASN D 119 -15.83 -23.78 19.79
CA ASN D 119 -15.88 -24.91 18.86
C ASN D 119 -16.48 -24.55 17.51
N TRP D 120 -16.64 -23.27 17.21
CA TRP D 120 -17.13 -22.76 15.93
C TRP D 120 -15.99 -21.95 15.37
N TYR D 121 -15.65 -22.20 14.11
CA TYR D 121 -14.46 -21.62 13.50
C TYR D 121 -14.77 -20.96 12.19
N ILE D 122 -13.94 -19.99 11.77
CA ILE D 122 -14.06 -19.39 10.44
C ILE D 122 -13.73 -20.53 9.45
N SER D 123 -14.63 -20.78 8.49
CA SER D 123 -14.51 -21.90 7.60
C SER D 123 -14.75 -21.53 6.14
N THR D 124 -14.24 -22.37 5.24
CA THR D 124 -14.47 -22.24 3.83
C THR D 124 -14.88 -23.59 3.29
N SER D 125 -15.55 -23.60 2.17
CA SER D 125 -15.94 -24.83 1.51
C SER D 125 -14.80 -25.33 0.63
N GLN D 126 -14.81 -26.62 0.26
CA GLN D 126 -13.85 -27.15 -0.70
C GLN D 126 -14.18 -26.58 -2.11
N ALA D 127 -15.46 -26.29 -2.38
CA ALA D 127 -15.96 -25.75 -3.64
C ALA D 127 -15.56 -24.31 -3.85
N GLU D 128 -15.35 -23.95 -5.11
CA GLU D 128 -14.97 -22.61 -5.49
C GLU D 128 -16.11 -21.64 -5.28
N ASN D 129 -15.75 -20.39 -4.98
CA ASN D 129 -16.64 -19.25 -4.90
C ASN D 129 -17.85 -19.42 -3.95
N MET D 130 -17.67 -20.11 -2.85
CA MET D 130 -18.72 -20.27 -1.85
C MET D 130 -18.46 -19.31 -0.66
N PRO D 131 -19.49 -18.94 0.11
CA PRO D 131 -19.25 -18.00 1.22
C PRO D 131 -18.32 -18.52 2.31
N VAL D 132 -17.66 -17.58 3.00
CA VAL D 132 -16.87 -17.84 4.20
C VAL D 132 -17.93 -17.87 5.30
N PHE D 133 -17.87 -18.89 6.16
CA PHE D 133 -18.91 -19.08 7.16
C PHE D 133 -18.35 -19.57 8.49
N LEU D 134 -19.20 -19.70 9.51
CA LEU D 134 -18.77 -20.22 10.82
C LEU D 134 -19.20 -21.69 10.87
N GLY D 135 -18.25 -22.61 10.97
CA GLY D 135 -18.58 -24.04 10.98
C GLY D 135 -18.26 -24.70 12.30
N GLY D 136 -18.90 -25.82 12.58
CA GLY D 136 -18.68 -26.54 13.84
C GLY D 136 -17.92 -27.85 13.72
N THR D 137 -17.24 -28.04 12.57
CA THR D 137 -16.53 -29.26 12.22
C THR D 137 -15.09 -29.01 11.72
N LYS D 138 -14.12 -29.64 12.37
CA LYS D 138 -12.71 -29.66 11.92
C LYS D 138 -12.41 -31.01 11.20
N GLY D 139 -13.15 -32.07 11.54
CA GLY D 139 -12.98 -33.41 10.99
C GLY D 139 -13.85 -33.75 9.80
N GLY D 140 -14.14 -32.77 8.98
CA GLY D 140 -14.96 -32.98 7.79
C GLY D 140 -14.32 -32.39 6.55
N GLN D 141 -15.09 -32.27 5.47
CA GLN D 141 -14.57 -31.69 4.24
C GLN D 141 -14.43 -30.17 4.34
N ASP D 142 -15.15 -29.47 5.26
CA ASP D 142 -14.98 -28.00 5.37
C ASP D 142 -13.61 -27.60 5.91
N ILE D 143 -13.05 -26.51 5.40
CA ILE D 143 -11.70 -26.07 5.75
C ILE D 143 -11.68 -25.04 6.86
N THR D 144 -10.95 -25.32 7.93
CA THR D 144 -10.81 -24.40 9.06
C THR D 144 -9.38 -23.87 9.27
N ASP D 145 -8.43 -24.28 8.42
CA ASP D 145 -7.02 -23.91 8.51
C ASP D 145 -6.67 -22.87 7.49
N PHE D 146 -5.93 -21.84 7.91
CA PHE D 146 -5.54 -20.73 7.07
C PHE D 146 -4.05 -20.39 7.23
N THR D 147 -3.51 -19.66 6.27
CA THR D 147 -2.19 -19.09 6.40
C THR D 147 -2.41 -17.58 6.28
N MET D 148 -1.56 -16.82 6.97
CA MET D 148 -1.61 -15.37 6.87
C MET D 148 -0.45 -14.95 5.96
N GLN D 149 -0.71 -13.96 5.10
CA GLN D 149 0.36 -13.39 4.31
C GLN D 149 0.39 -11.99 4.87
N PHE D 150 1.37 -11.71 5.73
CA PHE D 150 1.57 -10.42 6.38
C PHE D 150 1.80 -9.36 5.30
N VAL D 151 1.28 -8.16 5.51
CA VAL D 151 1.45 -7.04 4.59
C VAL D 151 2.22 -5.90 5.27
N SER D 152 1.72 -5.40 6.42
CA SER D 152 2.39 -4.33 7.17
C SER D 152 1.98 -4.34 8.66
N SER D 153 2.65 -3.55 9.51
CA SER D 153 2.28 -3.50 10.94
C SER D 153 1.62 -2.18 11.36
#